data_9IRO
#
_entry.id   9IRO
#
_cell.length_a   60.895
_cell.length_b   75.860
_cell.length_c   77.056
_cell.angle_alpha   90.000
_cell.angle_beta   90.000
_cell.angle_gamma   90.000
#
_symmetry.space_group_name_H-M   'P 21 21 21'
#
loop_
_entity.id
_entity.type
_entity.pdbx_description
1 polymer 'Uracil-DNA glycosylase'
2 polymer 'Staphylococcus epidermidis uracil-DNA glycosylase inhibitor (SeUGI)'
3 non-polymer 'SULFATE ION'
4 water water
#
loop_
_entity_poly.entity_id
_entity_poly.type
_entity_poly.pdbx_seq_one_letter_code
_entity_poly.pdbx_strand_id
1 'polypeptide(L)'
;MEWSQIFHDITTKHDFKAMHDFLEKEYSTAIVYPDRENIYQAFDLTPFENIKVVILGQDPYHGPNQAHGLAFSVQPNAKF
PPSLRNMYKELADDIGCVRQTPHLQDWAREGVLLLNTVLTVRQGEANSHRDIGWETFTDEIIKAVSDYKEHVVFILWGKP
AQQKIKLIDTSKHCIIKSVHPSPLSAYRGFFGSKPYSKANTYLESVGKSPINWCESEALEHHHHHH
;
A
2 'polypeptide(L)'
;HHHHHHSSGLVPRGSHMKTTTQELKQYMTRLFQLSNNETWECETLEEAAENILPKRFINDSPLAHLILETYTYYNNELHE
LSIYPFLMYSNNQLISIGYLDHFDMDFLYLTDTKNTIIDERHLLKEGGNNHE
;
B
#
# COMPACT_ATOMS: atom_id res chain seq x y z
N MET A 1 21.92 11.76 -15.52
CA MET A 1 22.20 11.07 -14.26
C MET A 1 21.72 9.61 -14.33
N GLU A 2 22.55 8.71 -13.80
CA GLU A 2 22.27 7.28 -13.81
C GLU A 2 21.89 6.80 -12.41
N TRP A 3 21.07 5.73 -12.36
CA TRP A 3 20.75 5.12 -11.09
C TRP A 3 21.99 4.62 -10.37
N SER A 4 23.00 4.15 -11.11
CA SER A 4 24.20 3.59 -10.48
C SER A 4 24.94 4.64 -9.66
N GLN A 5 25.07 5.85 -10.20
CA GLN A 5 25.77 6.91 -9.48
C GLN A 5 25.01 7.32 -8.22
N ILE A 6 23.68 7.42 -8.31
CA ILE A 6 22.88 7.76 -7.14
C ILE A 6 22.99 6.67 -6.08
N PHE A 7 22.94 5.40 -6.51
CA PHE A 7 23.10 4.29 -5.59
C PHE A 7 24.44 4.34 -4.88
N HIS A 8 25.52 4.62 -5.62
CA HIS A 8 26.83 4.72 -5.00
C HIS A 8 26.90 5.89 -4.03
N ASP A 9 26.33 7.05 -4.42
CA ASP A 9 26.29 8.20 -3.52
C ASP A 9 25.56 7.85 -2.23
N ILE A 10 24.51 7.04 -2.33
CA ILE A 10 23.80 6.58 -1.13
C ILE A 10 24.69 5.66 -0.30
N THR A 11 25.40 4.75 -0.95
CA THR A 11 26.25 3.81 -0.21
C THR A 11 27.39 4.54 0.51
N THR A 12 27.83 5.68 -0.03
CA THR A 12 28.84 6.46 0.69
C THR A 12 28.30 7.01 2.00
N LYS A 13 26.99 7.29 2.06
CA LYS A 13 26.38 7.95 3.20
C LYS A 13 25.77 6.99 4.20
N HIS A 14 25.60 5.71 3.85
CA HIS A 14 25.01 4.73 4.74
C HIS A 14 25.61 3.36 4.47
N ASP A 15 25.94 2.65 5.55
CA ASP A 15 26.49 1.30 5.48
C ASP A 15 25.34 0.30 5.38
N PHE A 16 25.39 -0.57 4.37
CA PHE A 16 24.34 -1.55 4.12
C PHE A 16 24.82 -2.98 4.31
N LYS A 17 25.90 -3.19 5.08
CA LYS A 17 26.46 -4.53 5.22
C LYS A 17 25.56 -5.42 6.08
N ALA A 18 25.15 -4.92 7.24
CA ALA A 18 24.25 -5.71 8.10
C ALA A 18 22.94 -6.00 7.38
N MET A 19 22.42 -5.03 6.64
CA MET A 19 21.21 -5.26 5.85
C MET A 19 21.44 -6.35 4.80
N HIS A 20 22.62 -6.36 4.17
CA HIS A 20 22.93 -7.40 3.20
C HIS A 20 22.94 -8.78 3.84
N ASP A 21 23.64 -8.91 4.97
CA ASP A 21 23.70 -10.20 5.64
C ASP A 21 22.32 -10.66 6.06
N PHE A 22 21.50 -9.74 6.59
CA PHE A 22 20.13 -10.07 6.97
C PHE A 22 19.33 -10.58 5.77
N LEU A 23 19.36 -9.84 4.65
CA LEU A 23 18.57 -10.22 3.49
C LEU A 23 19.05 -11.53 2.88
N GLU A 24 20.36 -11.76 2.88
CA GLU A 24 20.89 -13.04 2.39
C GLU A 24 20.39 -14.20 3.24
N LYS A 25 20.50 -14.07 4.57
CA LYS A 25 19.97 -15.08 5.46
C LYS A 25 18.49 -15.30 5.25
N GLU A 26 17.74 -14.22 5.04
CA GLU A 26 16.29 -14.31 4.87
C GLU A 26 15.93 -15.06 3.60
N TYR A 27 16.57 -14.69 2.48
CA TYR A 27 16.30 -15.39 1.23
C TYR A 27 16.74 -16.85 1.28
N SER A 28 17.79 -17.16 2.04
CA SER A 28 18.24 -18.54 2.14
C SER A 28 17.33 -19.38 3.04
N THR A 29 16.74 -18.78 4.07
CA THR A 29 15.99 -19.54 5.06
C THR A 29 14.47 -19.52 4.83
N ALA A 30 13.90 -18.37 4.48
CA ALA A 30 12.46 -18.22 4.36
C ALA A 30 12.09 -17.85 2.92
N ILE A 31 10.81 -17.57 2.72
CA ILE A 31 10.28 -17.14 1.42
C ILE A 31 10.11 -15.63 1.48
N VAL A 32 10.98 -14.91 0.78
CA VAL A 32 10.98 -13.45 0.78
C VAL A 32 10.40 -12.96 -0.53
N TYR A 33 9.57 -11.92 -0.46
CA TYR A 33 8.96 -11.31 -1.63
C TYR A 33 9.43 -9.87 -1.79
N PRO A 34 9.68 -9.42 -3.03
CA PRO A 34 9.57 -10.22 -4.26
C PRO A 34 10.78 -11.10 -4.46
N ASP A 35 10.88 -11.73 -5.63
CA ASP A 35 12.07 -12.51 -5.95
C ASP A 35 13.31 -11.62 -5.92
N ARG A 36 14.45 -12.24 -5.62
CA ARG A 36 15.70 -11.50 -5.48
C ARG A 36 15.99 -10.62 -6.69
N GLU A 37 15.83 -11.18 -7.90
CA GLU A 37 16.14 -10.45 -9.12
C GLU A 37 15.10 -9.39 -9.47
N ASN A 38 14.06 -9.20 -8.64
CA ASN A 38 13.03 -8.21 -8.90
C ASN A 38 12.99 -7.11 -7.85
N ILE A 39 13.96 -7.09 -6.93
CA ILE A 39 13.93 -6.11 -5.84
C ILE A 39 13.93 -4.69 -6.38
N TYR A 40 14.78 -4.41 -7.36
CA TYR A 40 14.91 -3.08 -7.93
C TYR A 40 14.29 -2.97 -9.32
N GLN A 41 13.20 -3.68 -9.57
CA GLN A 41 12.59 -3.67 -10.89
C GLN A 41 12.06 -2.29 -11.26
N ALA A 42 11.60 -1.51 -10.28
CA ALA A 42 11.12 -0.16 -10.56
C ALA A 42 12.22 0.70 -11.15
N PHE A 43 13.46 0.51 -10.68
CA PHE A 43 14.58 1.28 -11.19
C PHE A 43 15.04 0.76 -12.56
N ASP A 44 15.01 -0.56 -12.74
CA ASP A 44 15.43 -1.14 -14.02
C ASP A 44 14.48 -0.75 -15.13
N LEU A 45 13.18 -0.73 -14.86
CA LEU A 45 12.20 -0.42 -15.89
C LEU A 45 12.02 1.08 -16.10
N THR A 46 12.40 1.91 -15.11
CA THR A 46 12.31 3.35 -15.21
C THR A 46 13.69 3.93 -14.94
N PRO A 47 14.55 4.00 -15.96
CA PRO A 47 15.84 4.67 -15.79
C PRO A 47 15.64 6.10 -15.30
N PHE A 48 16.63 6.60 -14.55
CA PHE A 48 16.46 7.87 -13.84
C PHE A 48 16.08 9.00 -14.80
N GLU A 49 16.70 9.03 -15.99
CA GLU A 49 16.40 10.10 -16.92
C GLU A 49 15.02 9.96 -17.57
N ASN A 50 14.34 8.83 -17.39
CA ASN A 50 13.00 8.64 -17.93
C ASN A 50 11.91 8.98 -16.93
N ILE A 51 12.25 9.36 -15.70
CA ILE A 51 11.25 9.61 -14.67
C ILE A 51 10.41 10.81 -15.07
N LYS A 52 9.10 10.58 -15.22
CA LYS A 52 8.12 11.64 -15.36
C LYS A 52 7.17 11.73 -14.18
N VAL A 53 6.78 10.58 -13.61
CA VAL A 53 5.86 10.51 -12.50
C VAL A 53 6.43 9.56 -11.45
N VAL A 54 6.26 9.90 -10.18
CA VAL A 54 6.67 9.04 -9.07
C VAL A 54 5.44 8.74 -8.23
N ILE A 55 5.05 7.47 -8.18
CA ILE A 55 3.95 7.01 -7.35
C ILE A 55 4.54 6.18 -6.22
N LEU A 56 4.37 6.63 -4.99
CA LEU A 56 4.92 5.96 -3.83
C LEU A 56 3.97 4.88 -3.34
N GLY A 57 4.53 3.70 -3.04
CA GLY A 57 3.85 2.67 -2.30
C GLY A 57 4.35 2.58 -0.87
N GLN A 58 4.00 1.47 -0.22
CA GLN A 58 4.46 1.21 1.14
C GLN A 58 5.24 -0.09 1.13
N ASP A 59 4.64 -1.18 1.53
CA ASP A 59 5.27 -2.48 1.56
C ASP A 59 4.89 -3.29 0.32
N PRO A 60 5.72 -4.24 -0.07
CA PRO A 60 5.32 -5.16 -1.14
C PRO A 60 4.24 -6.11 -0.64
N TYR A 61 3.45 -6.64 -1.58
CA TYR A 61 2.50 -7.68 -1.25
C TYR A 61 3.24 -8.88 -0.68
N HIS A 62 2.66 -9.51 0.33
CA HIS A 62 3.32 -10.58 1.07
C HIS A 62 2.69 -11.95 0.81
N GLY A 63 1.89 -12.08 -0.25
CA GLY A 63 1.33 -13.35 -0.63
C GLY A 63 1.98 -13.88 -1.89
N PRO A 64 1.82 -15.18 -2.14
CA PRO A 64 2.44 -15.78 -3.32
C PRO A 64 1.87 -15.21 -4.62
N ASN A 65 2.75 -15.08 -5.61
CA ASN A 65 2.38 -14.62 -6.95
C ASN A 65 1.71 -13.25 -6.91
N GLN A 66 2.34 -12.32 -6.20
CA GLN A 66 1.82 -10.96 -6.12
C GLN A 66 2.88 -9.94 -6.45
N ALA A 67 3.73 -9.60 -5.47
CA ALA A 67 4.73 -8.57 -5.67
C ALA A 67 5.77 -9.03 -6.68
N HIS A 68 6.24 -8.09 -7.50
CA HIS A 68 7.32 -8.36 -8.44
C HIS A 68 8.26 -7.17 -8.59
N GLY A 69 8.33 -6.28 -7.59
CA GLY A 69 9.26 -5.17 -7.62
C GLY A 69 8.67 -3.82 -7.96
N LEU A 70 7.39 -3.76 -8.29
CA LEU A 70 6.71 -2.50 -8.57
C LEU A 70 5.66 -2.23 -7.50
N ALA A 71 5.49 -0.96 -7.17
CA ALA A 71 4.41 -0.57 -6.27
C ALA A 71 3.06 -0.86 -6.91
N PHE A 72 2.13 -1.36 -6.09
CA PHE A 72 0.73 -1.60 -6.47
C PHE A 72 0.57 -2.72 -7.49
N SER A 73 1.56 -2.94 -8.36
CA SER A 73 1.43 -3.92 -9.41
C SER A 73 1.53 -5.34 -8.87
N VAL A 74 0.84 -6.27 -9.53
CA VAL A 74 0.91 -7.70 -9.23
C VAL A 74 1.14 -8.47 -10.52
N GLN A 75 1.51 -9.74 -10.37
CA GLN A 75 1.86 -10.58 -11.50
C GLN A 75 0.63 -10.88 -12.35
N PRO A 76 0.83 -11.24 -13.63
CA PRO A 76 -0.32 -11.32 -14.57
C PRO A 76 -1.40 -12.30 -14.16
N ASN A 77 -1.06 -13.35 -13.43
CA ASN A 77 -2.04 -14.36 -13.02
C ASN A 77 -2.66 -14.07 -11.66
N ALA A 78 -2.29 -12.97 -11.02
CA ALA A 78 -2.75 -12.69 -9.67
C ALA A 78 -4.17 -12.10 -9.67
N LYS A 79 -4.87 -12.32 -8.57
CA LYS A 79 -6.14 -11.65 -8.37
C LYS A 79 -5.91 -10.18 -8.08
N PHE A 80 -6.83 -9.35 -8.55
CA PHE A 80 -6.68 -7.90 -8.45
C PHE A 80 -6.80 -7.45 -7.00
N PRO A 81 -5.79 -6.78 -6.43
CA PRO A 81 -5.98 -6.19 -5.11
C PRO A 81 -6.99 -5.06 -5.16
N PRO A 82 -7.65 -4.76 -4.04
CA PRO A 82 -8.71 -3.73 -4.08
C PRO A 82 -8.20 -2.35 -4.45
N SER A 83 -7.02 -1.97 -3.93
CA SER A 83 -6.45 -0.68 -4.29
C SER A 83 -6.20 -0.57 -5.78
N LEU A 84 -5.68 -1.64 -6.39
CA LEU A 84 -5.45 -1.63 -7.83
C LEU A 84 -6.77 -1.57 -8.61
N ARG A 85 -7.78 -2.28 -8.12
CA ARG A 85 -9.11 -2.19 -8.73
C ARG A 85 -9.61 -0.75 -8.73
N ASN A 86 -9.48 -0.05 -7.60
CA ASN A 86 -9.96 1.32 -7.53
C ASN A 86 -9.09 2.26 -8.39
N MET A 87 -7.79 1.99 -8.47
CA MET A 87 -6.94 2.75 -9.38
C MET A 87 -7.41 2.61 -10.81
N TYR A 88 -7.74 1.39 -11.24
CA TYR A 88 -8.22 1.18 -12.59
C TYR A 88 -9.59 1.82 -12.82
N LYS A 89 -10.45 1.79 -11.81
CA LYS A 89 -11.76 2.43 -11.92
C LYS A 89 -11.62 3.94 -12.08
N GLU A 90 -10.75 4.56 -11.29
CA GLU A 90 -10.50 5.99 -11.44
C GLU A 90 -9.87 6.30 -12.78
N LEU A 91 -8.99 5.41 -13.27
CA LEU A 91 -8.42 5.61 -14.59
C LEU A 91 -9.49 5.59 -15.68
N ALA A 92 -10.43 4.65 -15.59
CA ALA A 92 -11.53 4.60 -16.55
C ALA A 92 -12.38 5.87 -16.48
N ASP A 93 -12.70 6.33 -15.27
CA ASP A 93 -13.50 7.54 -15.13
C ASP A 93 -12.72 8.81 -15.44
N ASP A 94 -11.40 8.74 -15.57
CA ASP A 94 -10.55 9.91 -15.76
C ASP A 94 -10.02 10.03 -17.19
N ILE A 95 -9.38 8.99 -17.70
CA ILE A 95 -8.82 9.00 -19.05
C ILE A 95 -9.77 8.39 -20.07
N GLY A 96 -10.56 7.38 -19.67
CA GLY A 96 -11.53 6.77 -20.56
C GLY A 96 -11.21 5.36 -21.00
N CYS A 97 -10.10 4.79 -20.55
CA CYS A 97 -9.69 3.47 -20.95
C CYS A 97 -9.75 2.51 -19.77
N VAL A 98 -10.05 1.25 -20.06
CA VAL A 98 -10.16 0.20 -19.06
C VAL A 98 -8.95 -0.71 -19.19
N ARG A 99 -8.20 -0.88 -18.10
CA ARG A 99 -7.08 -1.79 -18.07
C ARG A 99 -7.53 -3.17 -17.61
N GLN A 100 -7.05 -4.21 -18.30
CA GLN A 100 -7.39 -5.58 -18.00
C GLN A 100 -6.25 -6.41 -17.43
N THR A 101 -5.01 -5.92 -17.52
CA THR A 101 -3.94 -6.69 -16.88
C THR A 101 -3.56 -6.06 -15.54
N PRO A 102 -3.29 -6.88 -14.52
CA PRO A 102 -3.01 -6.36 -13.19
C PRO A 102 -1.57 -5.91 -12.96
N HIS A 103 -0.72 -5.87 -14.00
CA HIS A 103 0.64 -5.40 -13.83
C HIS A 103 0.80 -4.01 -14.45
N LEU A 104 1.80 -3.28 -13.95
CA LEU A 104 2.00 -1.88 -14.31
C LEU A 104 3.37 -1.64 -14.93
N GLN A 105 3.95 -2.67 -15.55
CA GLN A 105 5.28 -2.52 -16.15
C GLN A 105 5.26 -1.54 -17.30
N ASP A 106 4.13 -1.42 -18.02
CA ASP A 106 4.04 -0.41 -19.07
C ASP A 106 4.02 1.00 -18.49
N TRP A 107 3.39 1.20 -17.34
CA TRP A 107 3.52 2.46 -16.62
C TRP A 107 4.99 2.76 -16.32
N ALA A 108 5.73 1.74 -15.88
CA ALA A 108 7.15 1.93 -15.57
C ALA A 108 7.94 2.34 -16.81
N ARG A 109 7.69 1.65 -17.93
CA ARG A 109 8.38 2.00 -19.17
C ARG A 109 8.02 3.41 -19.63
N GLU A 110 6.76 3.82 -19.43
CA GLU A 110 6.34 5.16 -19.79
C GLU A 110 7.00 6.25 -18.95
N GLY A 111 7.63 5.89 -17.84
CA GLY A 111 8.26 6.85 -16.98
C GLY A 111 7.66 7.01 -15.60
N VAL A 112 6.82 6.08 -15.16
CA VAL A 112 6.21 6.13 -13.84
C VAL A 112 7.06 5.29 -12.91
N LEU A 113 7.79 5.94 -12.01
CA LEU A 113 8.57 5.23 -11.00
C LEU A 113 7.63 4.74 -9.91
N LEU A 114 7.39 3.44 -9.87
CA LEU A 114 6.48 2.82 -8.91
C LEU A 114 7.31 2.34 -7.74
N LEU A 115 7.51 3.23 -6.77
CA LEU A 115 8.50 3.06 -5.71
C LEU A 115 7.81 2.75 -4.39
N ASN A 116 7.96 1.50 -3.92
CA ASN A 116 7.62 1.19 -2.55
C ASN A 116 8.66 1.79 -1.61
N THR A 117 8.23 2.18 -0.41
CA THR A 117 9.16 2.68 0.58
C THR A 117 9.92 1.56 1.27
N VAL A 118 9.36 0.36 1.29
CA VAL A 118 10.04 -0.86 1.75
C VAL A 118 9.99 -1.85 0.61
N LEU A 119 11.14 -2.48 0.31
CA LEU A 119 11.29 -3.22 -0.94
C LEU A 119 11.27 -4.74 -0.78
N THR A 120 11.28 -5.27 0.44
CA THR A 120 11.18 -6.71 0.65
C THR A 120 10.24 -6.98 1.82
N VAL A 121 9.78 -8.23 1.90
CA VAL A 121 8.86 -8.65 2.96
C VAL A 121 8.86 -10.17 3.00
N ARG A 122 8.74 -10.72 4.21
CA ARG A 122 8.57 -12.16 4.38
C ARG A 122 7.14 -12.56 4.03
N GLN A 123 6.99 -13.78 3.52
CA GLN A 123 5.70 -14.27 3.08
C GLN A 123 4.69 -14.27 4.23
N GLY A 124 3.58 -13.56 4.05
CA GLY A 124 2.52 -13.55 5.02
C GLY A 124 2.78 -12.76 6.28
N GLU A 125 3.89 -12.03 6.36
CA GLU A 125 4.25 -11.27 7.55
C GLU A 125 4.41 -9.81 7.16
N ALA A 126 3.35 -9.02 7.36
CA ALA A 126 3.39 -7.60 7.02
C ALA A 126 4.46 -6.89 7.86
N ASN A 127 5.17 -5.97 7.21
CA ASN A 127 6.20 -5.14 7.85
C ASN A 127 7.33 -5.97 8.44
N SER A 128 7.56 -7.18 7.92
CA SER A 128 8.60 -8.05 8.48
C SER A 128 10.00 -7.52 8.19
N HIS A 129 10.18 -6.79 7.08
CA HIS A 129 11.46 -6.20 6.74
C HIS A 129 11.44 -4.68 6.89
N ARG A 130 10.64 -4.18 7.83
CA ARG A 130 10.65 -2.78 8.19
C ARG A 130 11.80 -2.50 9.15
N ASP A 131 12.34 -1.28 9.07
CA ASP A 131 13.39 -0.81 9.96
C ASP A 131 14.68 -1.62 9.81
N ILE A 132 15.04 -1.94 8.57
CA ILE A 132 16.30 -2.59 8.27
C ILE A 132 17.17 -1.80 7.31
N GLY A 133 16.67 -0.70 6.74
CA GLY A 133 17.46 0.11 5.84
C GLY A 133 16.71 0.58 4.60
N TRP A 134 15.59 -0.07 4.29
CA TRP A 134 14.84 0.31 3.09
C TRP A 134 14.31 1.73 3.18
N GLU A 135 13.92 2.16 4.39
CA GLU A 135 13.37 3.50 4.55
C GLU A 135 14.42 4.56 4.22
N THR A 136 15.63 4.41 4.77
CA THR A 136 16.70 5.36 4.48
C THR A 136 16.99 5.39 2.98
N PHE A 137 17.09 4.22 2.36
CA PHE A 137 17.40 4.14 0.95
C PHE A 137 16.34 4.83 0.10
N THR A 138 15.06 4.55 0.37
CA THR A 138 13.99 5.13 -0.43
C THR A 138 13.82 6.62 -0.16
N ASP A 139 14.07 7.06 1.07
CA ASP A 139 14.10 8.51 1.34
C ASP A 139 15.19 9.19 0.52
N GLU A 140 16.38 8.58 0.47
CA GLU A 140 17.45 9.15 -0.35
C GLU A 140 17.11 9.09 -1.83
N ILE A 141 16.39 8.06 -2.27
CA ILE A 141 15.96 7.99 -3.67
C ILE A 141 15.00 9.14 -3.99
N ILE A 142 14.06 9.41 -3.09
CA ILE A 142 13.14 10.53 -3.28
C ILE A 142 13.91 11.85 -3.33
N LYS A 143 14.87 12.02 -2.42
CA LYS A 143 15.70 13.23 -2.43
C LYS A 143 16.46 13.38 -3.75
N ALA A 144 17.01 12.28 -4.26
CA ALA A 144 17.78 12.33 -5.50
C ALA A 144 16.88 12.66 -6.69
N VAL A 145 15.67 12.10 -6.72
CA VAL A 145 14.73 12.44 -7.79
C VAL A 145 14.37 13.91 -7.73
N SER A 146 14.16 14.44 -6.52
CA SER A 146 13.84 15.85 -6.37
C SER A 146 15.02 16.74 -6.80
N ASP A 147 16.26 16.28 -6.56
CA ASP A 147 17.42 17.11 -6.85
C ASP A 147 17.78 17.10 -8.33
N TYR A 148 17.99 15.91 -8.90
CA TYR A 148 18.64 15.77 -10.20
C TYR A 148 17.65 15.78 -11.37
N LYS A 149 16.38 16.03 -11.13
CA LYS A 149 15.40 16.23 -12.19
C LYS A 149 14.82 17.63 -12.09
N GLU A 150 14.51 18.23 -13.24
CA GLU A 150 13.97 19.58 -13.25
C GLU A 150 12.54 19.61 -12.76
N HIS A 151 11.65 18.85 -13.41
CA HIS A 151 10.23 18.87 -13.07
C HIS A 151 9.65 17.49 -13.28
N VAL A 152 9.16 16.88 -12.20
CA VAL A 152 8.48 15.59 -12.24
C VAL A 152 7.21 15.72 -11.40
N VAL A 153 6.35 14.71 -11.54
CA VAL A 153 5.08 14.65 -10.81
C VAL A 153 5.21 13.61 -9.70
N PHE A 154 4.93 14.02 -8.48
CA PHE A 154 4.82 13.10 -7.35
C PHE A 154 3.35 12.89 -7.04
N ILE A 155 2.87 11.67 -7.23
CA ILE A 155 1.52 11.28 -6.84
C ILE A 155 1.61 10.63 -5.48
N LEU A 156 1.11 11.32 -4.45
CA LEU A 156 1.26 10.90 -3.06
C LEU A 156 -0.11 10.49 -2.53
N TRP A 157 -0.35 9.18 -2.52
CA TRP A 157 -1.62 8.62 -2.05
C TRP A 157 -1.49 8.20 -0.59
N GLY A 158 -2.29 8.79 0.27
CA GLY A 158 -2.29 8.47 1.68
C GLY A 158 -1.33 9.35 2.47
N LYS A 159 -1.54 9.35 3.78
CA LYS A 159 -0.77 10.17 4.70
C LYS A 159 0.71 9.79 4.75
N PRO A 160 1.07 8.50 4.84
CA PRO A 160 2.50 8.15 4.88
C PRO A 160 3.26 8.64 3.66
N ALA A 161 2.68 8.54 2.46
CA ALA A 161 3.35 9.09 1.28
C ALA A 161 3.42 10.60 1.34
N GLN A 162 2.41 11.26 1.90
CA GLN A 162 2.42 12.71 2.02
C GLN A 162 3.42 13.19 3.06
N GLN A 163 3.84 12.34 3.99
CA GLN A 163 4.89 12.72 4.92
C GLN A 163 6.22 12.93 4.21
N LYS A 164 6.38 12.42 2.99
CA LYS A 164 7.60 12.59 2.21
C LYS A 164 7.69 13.93 1.51
N ILE A 165 6.69 14.81 1.68
CA ILE A 165 6.75 16.14 1.06
C ILE A 165 7.93 16.93 1.60
N LYS A 166 8.35 16.66 2.84
CA LYS A 166 9.52 17.30 3.41
C LYS A 166 10.79 17.02 2.60
N LEU A 167 10.82 15.91 1.85
CA LEU A 167 11.98 15.54 1.05
C LEU A 167 11.91 16.05 -0.38
N ILE A 168 10.81 16.67 -0.79
CA ILE A 168 10.59 17.08 -2.17
C ILE A 168 10.67 18.61 -2.23
N ASP A 169 11.40 19.11 -3.22
CA ASP A 169 11.49 20.56 -3.47
C ASP A 169 10.20 20.97 -4.16
N THR A 170 9.23 21.43 -3.36
CA THR A 170 7.90 21.75 -3.86
C THR A 170 7.89 22.92 -4.83
N SER A 171 8.97 23.69 -4.92
CA SER A 171 9.04 24.79 -5.88
C SER A 171 9.31 24.29 -7.29
N LYS A 172 9.91 23.11 -7.45
CA LYS A 172 10.27 22.57 -8.75
C LYS A 172 9.27 21.56 -9.30
N HIS A 173 8.73 20.70 -8.44
CA HIS A 173 7.99 19.54 -8.87
C HIS A 173 6.53 19.62 -8.45
N CYS A 174 5.66 19.06 -9.27
CA CYS A 174 4.23 19.01 -8.98
C CYS A 174 3.94 17.92 -7.95
N ILE A 175 3.02 18.22 -7.04
CA ILE A 175 2.62 17.27 -6.01
C ILE A 175 1.11 17.05 -6.13
N ILE A 176 0.72 15.84 -6.50
CA ILE A 176 -0.68 15.42 -6.55
C ILE A 176 -0.92 14.51 -5.36
N LYS A 177 -1.76 14.95 -4.43
CA LYS A 177 -2.01 14.20 -3.21
C LYS A 177 -3.50 14.04 -2.98
N SER A 178 -3.85 12.88 -2.42
CA SER A 178 -5.24 12.57 -2.05
C SER A 178 -5.19 11.42 -1.04
N VAL A 179 -6.38 11.03 -0.58
CA VAL A 179 -6.45 9.83 0.27
C VAL A 179 -6.11 8.60 -0.57
N HIS A 180 -5.82 7.51 0.14
CA HIS A 180 -5.36 6.29 -0.52
C HIS A 180 -6.47 5.69 -1.38
N PRO A 181 -6.10 5.06 -2.50
CA PRO A 181 -7.11 4.38 -3.33
C PRO A 181 -7.69 3.13 -2.69
N SER A 182 -7.25 2.76 -1.48
CA SER A 182 -7.79 1.63 -0.75
C SER A 182 -9.30 1.77 -0.62
N PRO A 183 -10.05 0.66 -0.64
CA PRO A 183 -11.50 0.74 -0.42
C PRO A 183 -11.87 1.35 0.91
N LEU A 184 -10.96 1.32 1.89
CA LEU A 184 -11.21 1.95 3.17
C LEU A 184 -11.27 3.48 3.06
N SER A 185 -10.69 4.06 2.01
CA SER A 185 -10.60 5.50 1.90
C SER A 185 -10.95 6.06 0.53
N ALA A 186 -11.19 5.22 -0.48
CA ALA A 186 -11.32 5.69 -1.85
C ALA A 186 -12.45 6.70 -2.02
N TYR A 187 -13.54 6.54 -1.27
CA TYR A 187 -14.70 7.41 -1.40
C TYR A 187 -14.58 8.67 -0.55
N ARG A 188 -13.43 8.92 0.07
CA ARG A 188 -13.20 10.13 0.84
C ARG A 188 -12.19 11.05 0.16
N GLY A 189 -11.95 10.87 -1.14
CA GLY A 189 -11.04 11.75 -1.85
C GLY A 189 -10.43 11.19 -3.12
N PHE A 190 -10.26 9.87 -3.21
CA PHE A 190 -9.55 9.32 -4.35
C PHE A 190 -10.42 9.33 -5.61
N PHE A 191 -11.63 8.80 -5.54
CA PHE A 191 -12.51 8.81 -6.69
C PHE A 191 -12.86 10.25 -7.07
N GLY A 192 -12.68 10.58 -8.35
CA GLY A 192 -12.86 11.93 -8.83
C GLY A 192 -11.64 12.80 -8.74
N SER A 193 -10.56 12.33 -8.10
CA SER A 193 -9.36 13.14 -7.95
C SER A 193 -8.62 13.32 -9.26
N LYS A 194 -8.82 12.43 -10.23
CA LYS A 194 -8.23 12.52 -11.56
C LYS A 194 -6.71 12.75 -11.50
N PRO A 195 -5.96 11.82 -10.89
CA PRO A 195 -4.51 12.06 -10.78
C PRO A 195 -3.77 11.88 -12.11
N TYR A 196 -4.26 10.99 -12.98
CA TYR A 196 -3.55 10.71 -14.22
C TYR A 196 -3.61 11.90 -15.17
N SER A 197 -4.81 12.44 -15.40
CA SER A 197 -4.94 13.59 -16.28
C SER A 197 -4.27 14.83 -15.70
N LYS A 198 -4.28 14.98 -14.37
CA LYS A 198 -3.57 16.10 -13.75
C LYS A 198 -2.06 15.98 -13.96
N ALA A 199 -1.53 14.77 -13.79
CA ALA A 199 -0.10 14.55 -14.05
C ALA A 199 0.24 14.87 -15.49
N ASN A 200 -0.59 14.41 -16.43
CA ASN A 200 -0.33 14.69 -17.84
C ASN A 200 -0.44 16.19 -18.15
N THR A 201 -1.37 16.87 -17.49
CA THR A 201 -1.51 18.31 -17.69
C THR A 201 -0.25 19.05 -17.22
N TYR A 202 0.27 18.67 -16.05
CA TYR A 202 1.50 19.29 -15.58
C TYR A 202 2.66 18.97 -16.52
N LEU A 203 2.76 17.71 -16.96
CA LEU A 203 3.84 17.32 -17.87
C LEU A 203 3.81 18.15 -19.15
N GLU A 204 2.62 18.34 -19.72
CA GLU A 204 2.52 19.16 -20.92
C GLU A 204 2.79 20.64 -20.62
N SER A 205 2.43 21.11 -19.43
CA SER A 205 2.73 22.49 -19.07
C SER A 205 4.23 22.71 -18.89
N VAL A 206 5.00 21.65 -18.62
CA VAL A 206 6.45 21.78 -18.44
C VAL A 206 7.20 21.33 -19.69
N GLY A 207 6.50 21.07 -20.79
CA GLY A 207 7.17 20.72 -22.03
C GLY A 207 7.61 19.28 -22.13
N LYS A 208 6.78 18.36 -21.64
CA LYS A 208 7.08 16.93 -21.69
C LYS A 208 5.86 16.18 -22.22
N SER A 209 6.13 15.11 -22.96
CA SER A 209 5.05 14.29 -23.50
C SER A 209 4.32 13.57 -22.37
N PRO A 210 3.03 13.32 -22.52
CA PRO A 210 2.23 12.75 -21.43
C PRO A 210 2.43 11.26 -21.28
N ILE A 211 1.97 10.75 -20.14
CA ILE A 211 2.00 9.31 -19.86
C ILE A 211 0.84 8.64 -20.58
N ASN A 212 1.12 7.53 -21.26
CA ASN A 212 0.07 6.67 -21.80
C ASN A 212 -0.30 5.70 -20.69
N TRP A 213 -1.33 6.06 -19.91
CA TRP A 213 -1.77 5.22 -18.80
C TRP A 213 -2.50 3.97 -19.26
N CYS A 214 -2.95 3.94 -20.51
CA CYS A 214 -3.78 2.84 -21.00
C CYS A 214 -2.91 1.67 -21.45
N GLU A 215 -3.57 0.59 -21.86
CA GLU A 215 -2.87 -0.60 -22.33
C GLU A 215 -2.49 -0.45 -23.80
N SER A 216 -1.45 -1.17 -24.19
CA SER A 216 -1.00 -1.18 -25.58
C SER A 216 -0.07 -2.36 -25.84
N HIS B 3 1.30 -9.83 24.75
CA HIS B 3 2.67 -9.73 24.27
C HIS B 3 3.09 -10.95 23.48
N HIS B 4 2.61 -12.12 23.92
CA HIS B 4 2.85 -13.39 23.25
C HIS B 4 1.51 -14.10 23.05
N HIS B 5 0.61 -13.42 22.33
CA HIS B 5 -0.72 -13.97 22.05
C HIS B 5 -0.62 -15.39 21.50
N HIS B 6 0.40 -15.65 20.68
CA HIS B 6 0.65 -16.99 20.20
C HIS B 6 0.87 -17.99 21.33
N SER B 7 1.51 -17.55 22.43
CA SER B 7 1.85 -18.44 23.53
C SER B 7 1.24 -18.00 24.85
N SER B 8 0.16 -17.22 24.81
CA SER B 8 -0.50 -16.76 26.02
C SER B 8 -1.79 -17.52 26.32
N GLY B 9 -2.19 -18.45 25.45
CA GLY B 9 -3.36 -19.28 25.67
C GLY B 9 -3.00 -20.70 26.04
N LEU B 10 -4.02 -21.56 26.02
CA LEU B 10 -3.82 -22.98 26.26
C LEU B 10 -3.31 -23.70 25.02
N VAL B 11 -3.95 -23.45 23.88
CA VAL B 11 -3.61 -24.10 22.62
C VAL B 11 -2.72 -23.19 21.78
N PRO B 12 -1.95 -23.73 20.84
CA PRO B 12 -1.17 -22.86 19.94
C PRO B 12 -2.07 -22.01 19.06
N ARG B 13 -1.71 -20.74 18.94
CA ARG B 13 -2.44 -19.81 18.10
C ARG B 13 -1.44 -18.83 17.50
N GLY B 14 -1.91 -17.98 16.61
CA GLY B 14 -1.08 -16.98 15.97
C GLY B 14 -1.07 -15.68 16.74
N SER B 15 -0.70 -14.61 16.03
CA SER B 15 -0.75 -13.28 16.62
C SER B 15 -2.19 -12.88 16.90
N HIS B 16 -2.36 -11.80 17.66
CA HIS B 16 -3.69 -11.28 17.90
C HIS B 16 -4.37 -10.90 16.60
N MET B 17 -3.61 -10.35 15.65
CA MET B 17 -4.18 -9.97 14.36
C MET B 17 -4.66 -11.19 13.60
N LYS B 18 -3.85 -12.25 13.55
CA LYS B 18 -4.21 -13.42 12.76
C LYS B 18 -5.32 -14.23 13.44
N THR B 19 -5.28 -14.32 14.77
CA THR B 19 -6.35 -15.00 15.48
C THR B 19 -7.68 -14.26 15.31
N THR B 20 -7.64 -12.92 15.43
CA THR B 20 -8.84 -12.13 15.20
C THR B 20 -9.31 -12.23 13.75
N THR B 21 -8.37 -12.39 12.81
CA THR B 21 -8.73 -12.60 11.42
C THR B 21 -9.52 -13.88 11.25
N GLN B 22 -9.02 -14.99 11.81
CA GLN B 22 -9.73 -16.26 11.72
C GLN B 22 -11.11 -16.17 12.36
N GLU B 23 -11.23 -15.46 13.48
CA GLU B 23 -12.53 -15.26 14.10
C GLU B 23 -13.45 -14.45 13.21
N LEU B 24 -12.94 -13.34 12.66
CA LEU B 24 -13.73 -12.56 11.71
C LEU B 24 -14.12 -13.41 10.50
N LYS B 25 -13.22 -14.30 10.07
CA LYS B 25 -13.51 -15.12 8.90
C LYS B 25 -14.62 -16.13 9.17
N GLN B 26 -14.58 -16.82 10.32
CA GLN B 26 -15.62 -17.79 10.64
C GLN B 26 -16.97 -17.11 10.84
N TYR B 27 -16.97 -15.85 11.30
CA TYR B 27 -18.22 -15.11 11.45
C TYR B 27 -18.75 -14.64 10.09
N MET B 28 -17.87 -14.13 9.22
CA MET B 28 -18.31 -13.64 7.92
C MET B 28 -18.71 -14.79 6.99
N THR B 29 -18.04 -15.94 7.11
CA THR B 29 -18.41 -17.09 6.30
C THR B 29 -19.86 -17.50 6.55
N ARG B 30 -20.29 -17.48 7.81
CA ARG B 30 -21.67 -17.83 8.16
C ARG B 30 -22.63 -16.71 7.80
N LEU B 31 -22.28 -15.46 8.09
CA LEU B 31 -23.18 -14.35 7.83
C LEU B 31 -23.45 -14.16 6.34
N PHE B 32 -22.48 -14.53 5.49
CA PHE B 32 -22.61 -14.32 4.05
C PHE B 32 -22.62 -15.61 3.25
N GLN B 33 -22.69 -16.77 3.91
CA GLN B 33 -22.77 -18.07 3.23
C GLN B 33 -21.58 -18.27 2.30
N LEU B 34 -20.39 -17.99 2.81
CA LEU B 34 -19.20 -17.94 1.99
C LEU B 34 -18.68 -19.35 1.67
N SER B 35 -18.27 -19.54 0.42
CA SER B 35 -17.67 -20.81 0.01
C SER B 35 -16.27 -20.98 0.59
N ASN B 36 -15.51 -19.88 0.69
CA ASN B 36 -14.10 -19.94 1.05
C ASN B 36 -13.34 -20.92 0.17
N ASN B 37 -13.78 -21.05 -1.09
CA ASN B 37 -13.10 -21.89 -2.05
C ASN B 37 -11.77 -21.31 -2.50
N GLU B 38 -11.55 -20.02 -2.24
CA GLU B 38 -10.27 -19.36 -2.48
C GLU B 38 -9.77 -18.76 -1.17
N THR B 39 -8.46 -18.56 -1.09
CA THR B 39 -7.86 -18.01 0.11
C THR B 39 -8.21 -16.54 0.27
N TRP B 40 -8.09 -16.06 1.50
CA TRP B 40 -8.24 -14.63 1.81
C TRP B 40 -6.88 -13.96 1.62
N GLU B 41 -6.70 -13.28 0.49
CA GLU B 41 -5.53 -12.44 0.33
C GLU B 41 -5.72 -11.14 1.11
N CYS B 42 -4.60 -10.55 1.55
CA CYS B 42 -4.65 -9.42 2.47
C CYS B 42 -3.89 -8.24 1.87
N GLU B 43 -4.53 -7.08 1.88
CA GLU B 43 -3.89 -5.82 1.52
C GLU B 43 -3.63 -5.04 2.79
N THR B 44 -2.35 -4.83 3.10
CA THR B 44 -1.94 -4.13 4.31
C THR B 44 -1.50 -2.72 3.95
N LEU B 45 -1.87 -1.75 4.78
CA LEU B 45 -1.59 -0.36 4.47
C LEU B 45 -1.72 0.47 5.75
N GLU B 46 -0.83 1.45 5.88
CA GLU B 46 -0.90 2.44 6.94
C GLU B 46 -1.53 3.72 6.41
N GLU B 47 -2.43 4.30 7.19
CA GLU B 47 -3.16 5.47 6.75
C GLU B 47 -3.71 6.21 7.96
N ALA B 48 -3.82 7.53 7.83
CA ALA B 48 -4.40 8.34 8.89
C ALA B 48 -5.84 7.89 9.18
N ALA B 49 -6.19 7.87 10.46
CA ALA B 49 -7.52 7.42 10.86
C ALA B 49 -8.61 8.28 10.25
N GLU B 50 -8.37 9.59 10.09
CA GLU B 50 -9.37 10.48 9.53
C GLU B 50 -9.67 10.18 8.07
N ASN B 51 -8.83 9.41 7.39
CA ASN B 51 -9.07 9.04 6.00
C ASN B 51 -9.78 7.71 5.85
N ILE B 52 -9.81 6.90 6.91
CA ILE B 52 -10.36 5.55 6.83
C ILE B 52 -11.55 5.33 7.75
N LEU B 53 -11.90 6.29 8.59
CA LEU B 53 -13.01 6.15 9.52
C LEU B 53 -13.97 7.32 9.36
N PRO B 54 -15.25 7.12 9.66
CA PRO B 54 -16.20 8.22 9.57
C PRO B 54 -15.78 9.41 10.44
N LYS B 55 -16.00 10.61 9.90
CA LYS B 55 -15.59 11.84 10.58
C LYS B 55 -16.25 11.98 11.95
N ARG B 56 -17.43 11.40 12.14
CA ARG B 56 -18.14 11.55 13.41
C ARG B 56 -17.36 10.94 14.56
N PHE B 57 -16.55 9.91 14.29
CA PHE B 57 -15.79 9.23 15.33
C PHE B 57 -14.42 9.84 15.56
N ILE B 58 -13.98 10.74 14.68
CA ILE B 58 -12.68 11.38 14.81
C ILE B 58 -12.76 12.48 15.87
N ASN B 59 -13.39 13.61 15.51
CA ASN B 59 -13.51 14.75 16.42
C ASN B 59 -12.16 15.17 16.96
N ASP B 60 -12.10 15.50 18.26
CA ASP B 60 -10.85 15.81 18.92
C ASP B 60 -10.32 14.63 19.74
N SER B 61 -10.66 13.42 19.32
CA SER B 61 -10.15 12.20 19.94
C SER B 61 -8.73 11.94 19.44
N PRO B 62 -8.02 10.99 20.04
CA PRO B 62 -6.66 10.69 19.56
C PRO B 62 -6.60 10.20 18.12
N LEU B 63 -7.72 9.73 17.56
CA LEU B 63 -7.75 9.33 16.16
C LEU B 63 -7.58 10.50 15.19
N ALA B 64 -7.65 11.75 15.68
CA ALA B 64 -7.48 12.90 14.79
C ALA B 64 -6.10 12.93 14.17
N HIS B 65 -5.10 12.33 14.83
CA HIS B 65 -3.71 12.34 14.38
C HIS B 65 -3.14 10.96 14.14
N LEU B 66 -3.79 9.91 14.64
CA LEU B 66 -3.19 8.58 14.62
C LEU B 66 -3.14 8.01 13.21
N ILE B 67 -2.01 7.40 12.88
CA ILE B 67 -1.85 6.59 11.67
C ILE B 67 -2.07 5.14 12.08
N LEU B 68 -3.02 4.48 11.43
CA LEU B 68 -3.40 3.12 11.78
C LEU B 68 -2.83 2.11 10.79
N GLU B 69 -2.46 0.94 11.30
CA GLU B 69 -2.09 -0.19 10.46
C GLU B 69 -3.37 -0.95 10.11
N THR B 70 -3.66 -1.06 8.83
CA THR B 70 -4.91 -1.62 8.35
C THR B 70 -4.67 -2.92 7.60
N TYR B 71 -5.63 -3.83 7.71
CA TYR B 71 -5.58 -5.13 7.05
C TYR B 71 -6.92 -5.35 6.37
N THR B 72 -6.95 -5.36 5.05
CA THR B 72 -8.17 -5.54 4.28
C THR B 72 -8.06 -6.85 3.51
N TYR B 73 -9.01 -7.76 3.74
CA TYR B 73 -8.99 -9.07 3.12
C TYR B 73 -9.90 -9.10 1.91
N TYR B 74 -9.51 -9.89 0.91
CA TYR B 74 -10.20 -9.86 -0.37
C TYR B 74 -9.95 -11.14 -1.14
N ASN B 75 -10.94 -11.49 -1.95
CA ASN B 75 -10.81 -12.44 -3.05
C ASN B 75 -11.94 -12.15 -4.02
N ASN B 76 -12.07 -12.98 -5.07
CA ASN B 76 -13.12 -12.72 -6.05
C ASN B 76 -14.51 -12.92 -5.48
N GLU B 77 -14.65 -13.80 -4.49
CA GLU B 77 -15.94 -14.01 -3.86
C GLU B 77 -16.35 -12.81 -3.02
N LEU B 78 -15.43 -12.31 -2.18
CA LEU B 78 -15.72 -11.11 -1.39
C LEU B 78 -15.95 -9.91 -2.29
N HIS B 79 -15.22 -9.82 -3.39
CA HIS B 79 -15.45 -8.74 -4.36
C HIS B 79 -16.84 -8.87 -5.00
N GLU B 80 -17.30 -10.10 -5.23
CA GLU B 80 -18.63 -10.29 -5.80
C GLU B 80 -19.72 -9.79 -4.85
N LEU B 81 -19.56 -10.06 -3.55
CA LEU B 81 -20.50 -9.58 -2.55
C LEU B 81 -20.19 -8.17 -2.08
N SER B 82 -19.13 -7.54 -2.61
CA SER B 82 -18.75 -6.17 -2.26
C SER B 82 -18.55 -6.00 -0.76
N ILE B 83 -17.97 -7.01 -0.12
CA ILE B 83 -17.65 -6.96 1.30
C ILE B 83 -16.14 -7.07 1.47
N TYR B 84 -15.59 -6.26 2.38
CA TYR B 84 -14.16 -6.26 2.65
C TYR B 84 -13.94 -6.31 4.15
N PRO B 85 -13.65 -7.49 4.71
CA PRO B 85 -13.31 -7.56 6.14
C PRO B 85 -12.03 -6.79 6.41
N PHE B 86 -12.01 -6.08 7.54
CA PHE B 86 -10.85 -5.27 7.86
C PHE B 86 -10.54 -5.33 9.36
N LEU B 87 -9.25 -5.19 9.66
CA LEU B 87 -8.76 -4.98 11.01
C LEU B 87 -7.92 -3.71 11.03
N MET B 88 -7.95 -2.99 12.14
CA MET B 88 -7.18 -1.77 12.31
C MET B 88 -6.49 -1.78 13.67
N TYR B 89 -5.21 -1.44 13.69
CA TYR B 89 -4.42 -1.39 14.91
C TYR B 89 -3.69 -0.07 15.00
N SER B 90 -3.24 0.26 16.21
CA SER B 90 -2.43 1.45 16.45
C SER B 90 -1.46 1.11 17.57
N ASN B 91 -0.20 0.85 17.19
CA ASN B 91 0.87 0.52 18.13
C ASN B 91 0.46 -0.69 19.01
N ASN B 92 0.21 -1.80 18.33
CA ASN B 92 -0.07 -3.11 18.92
C ASN B 92 -1.41 -3.18 19.65
N GLN B 93 -2.21 -2.12 19.64
CA GLN B 93 -3.51 -2.13 20.29
C GLN B 93 -4.61 -2.13 19.24
N LEU B 94 -5.62 -2.97 19.47
CA LEU B 94 -6.70 -3.13 18.51
C LEU B 94 -7.55 -1.86 18.45
N ILE B 95 -7.79 -1.37 17.23
CA ILE B 95 -8.61 -0.19 17.02
C ILE B 95 -9.98 -0.55 16.48
N SER B 96 -10.05 -1.47 15.52
CA SER B 96 -11.32 -1.75 14.85
C SER B 96 -11.34 -3.15 14.30
N ILE B 97 -12.52 -3.79 14.41
CA ILE B 97 -12.86 -5.00 13.67
C ILE B 97 -14.15 -4.71 12.91
N GLY B 98 -14.18 -5.05 11.63
CA GLY B 98 -15.39 -4.82 10.87
C GLY B 98 -15.25 -5.27 9.44
N TYR B 99 -16.17 -4.79 8.60
CA TYR B 99 -16.15 -5.11 7.19
C TYR B 99 -16.88 -4.01 6.44
N LEU B 100 -16.30 -3.57 5.33
CA LEU B 100 -17.01 -2.70 4.41
C LEU B 100 -18.11 -3.49 3.72
N ASP B 101 -19.32 -2.94 3.71
CA ASP B 101 -20.46 -3.57 3.05
C ASP B 101 -20.98 -2.58 2.02
N HIS B 102 -20.63 -2.81 0.75
CA HIS B 102 -20.92 -1.87 -0.33
C HIS B 102 -20.39 -0.49 0.02
N PHE B 103 -21.27 0.48 0.20
CA PHE B 103 -20.85 1.83 0.58
C PHE B 103 -20.81 2.04 2.09
N ASP B 104 -21.37 1.13 2.87
CA ASP B 104 -21.37 1.28 4.32
C ASP B 104 -20.07 0.75 4.92
N MET B 105 -19.93 0.97 6.22
CA MET B 105 -18.77 0.49 6.98
C MET B 105 -19.31 -0.10 8.28
N ASP B 106 -19.45 -1.42 8.32
CA ASP B 106 -19.96 -2.08 9.50
C ASP B 106 -18.86 -2.33 10.51
N PHE B 107 -19.17 -2.13 11.79
CA PHE B 107 -18.21 -2.25 12.86
C PHE B 107 -18.65 -3.36 13.83
N LEU B 108 -17.75 -4.32 14.06
CA LEU B 108 -17.90 -5.28 15.14
C LEU B 108 -17.15 -4.85 16.39
N TYR B 109 -16.13 -4.02 16.24
CA TYR B 109 -15.43 -3.39 17.35
C TYR B 109 -14.82 -2.09 16.83
N LEU B 110 -14.85 -1.05 17.67
CA LEU B 110 -14.29 0.24 17.29
C LEU B 110 -14.07 1.08 18.54
N THR B 111 -12.85 1.59 18.69
CA THR B 111 -12.53 2.47 19.80
C THR B 111 -11.60 3.58 19.30
N ASP B 112 -11.56 4.67 20.07
CA ASP B 112 -10.63 5.77 19.82
C ASP B 112 -9.50 5.80 20.84
N THR B 113 -9.24 4.67 21.50
CA THR B 113 -8.27 4.48 22.58
C THR B 113 -8.67 5.16 23.88
N LYS B 114 -9.81 5.84 23.91
CA LYS B 114 -10.28 6.47 25.14
C LYS B 114 -11.73 6.16 25.47
N ASN B 115 -12.60 6.06 24.46
CA ASN B 115 -13.99 5.70 24.66
C ASN B 115 -14.37 4.67 23.60
N THR B 116 -14.69 3.46 24.04
CA THR B 116 -15.13 2.42 23.11
C THR B 116 -16.42 2.86 22.43
N ILE B 117 -16.38 2.96 21.11
CA ILE B 117 -17.57 3.35 20.36
C ILE B 117 -18.51 2.16 20.21
N ILE B 118 -17.99 1.03 19.72
CA ILE B 118 -18.77 -0.18 19.54
C ILE B 118 -17.92 -1.36 19.97
N ASP B 119 -18.54 -2.30 20.69
CA ASP B 119 -17.90 -3.60 20.99
C ASP B 119 -18.98 -4.66 20.90
N GLU B 120 -18.97 -5.41 19.80
CA GLU B 120 -19.85 -6.56 19.60
C GLU B 120 -19.05 -7.83 19.35
N ARG B 121 -17.83 -7.90 19.91
CA ARG B 121 -16.98 -9.07 19.73
C ARG B 121 -17.61 -10.36 20.28
N HIS B 122 -18.63 -10.24 21.13
CA HIS B 122 -19.37 -11.41 21.58
C HIS B 122 -19.93 -12.20 20.40
N LEU B 123 -20.20 -11.53 19.27
CA LEU B 123 -20.67 -12.22 18.08
C LEU B 123 -19.58 -13.04 17.41
N LEU B 124 -18.31 -12.77 17.70
CA LEU B 124 -17.20 -13.47 17.07
C LEU B 124 -16.86 -14.78 17.79
N LYS B 125 -16.92 -14.80 19.12
CA LYS B 125 -16.59 -15.99 19.88
C LYS B 125 -17.74 -16.99 19.88
#